data_4O7D
#
_entry.id   4O7D
#
_cell.length_a   139.278
_cell.length_b   139.278
_cell.length_c   155.502
_cell.angle_alpha   90.00
_cell.angle_beta   90.00
_cell.angle_gamma   90.00
#
_symmetry.space_group_name_H-M   'I 41 2 2'
#
loop_
_entity.id
_entity.type
_entity.pdbx_description
1 polymer 'Glutaminase kidney isoform, mitochondrial'
2 non-polymer 5-OXO-L-NORLEUCINE
3 water water
#
_entity_poly.entity_id   1
_entity_poly.type   'polypeptide(L)'
_entity_poly.pdbx_seq_one_letter_code
;SMIPDFMSFTSHIDELYESAKKQSGGKVADYIPQLAKFSPDLWGVSVCTVDGQRHSTGDTKVPFCLQSCVKPLKYAIAVN
DLGTEYVHRYVGKEPSGLRFNKLFLNEDDKPHNPMVNAGAIVVTSLIKQGVNNAEKFDYVMQFLNKMAGNEYVGFSNATF
QSERESGDRNFAIGYYLKEKKCFPEGTDMVGILDFYFQLCSIEVTCESASVMAATLANGGFCPITGERVLSPEAVRNTLS
LMHSCGMYDFSGQFAFHVGLPAKSGVAGGILLVVPNVMGMMCWSPPLDKMGNSVKGIHFCHDLVSLCNFHNYD
;
_entity_poly.pdbx_strand_id   A
#
# COMPACT_ATOMS: atom_id res chain seq x y z
N SER A 1 8.25 -14.03 -20.01
CA SER A 1 7.06 -13.20 -19.99
C SER A 1 5.77 -13.88 -20.47
N MET A 2 4.68 -13.54 -19.79
CA MET A 2 3.34 -14.04 -20.09
C MET A 2 2.52 -12.98 -20.84
N ILE A 3 3.23 -12.00 -21.40
CA ILE A 3 2.60 -11.01 -22.25
C ILE A 3 3.42 -10.86 -23.52
N PRO A 4 3.01 -11.56 -24.58
CA PRO A 4 3.68 -11.52 -25.88
C PRO A 4 3.37 -10.19 -26.59
N ASP A 5 2.08 -9.88 -26.71
CA ASP A 5 1.65 -8.66 -27.36
C ASP A 5 1.10 -7.68 -26.34
N PHE A 6 1.89 -6.67 -26.00
CA PHE A 6 1.49 -5.69 -25.02
C PHE A 6 0.23 -4.95 -25.46
N MET A 7 0.16 -4.61 -26.74
CA MET A 7 -1.00 -3.88 -27.24
C MET A 7 -2.31 -4.66 -27.08
N SER A 8 -2.26 -5.98 -27.30
CA SER A 8 -3.45 -6.79 -27.16
C SER A 8 -3.86 -6.88 -25.69
N PHE A 9 -2.85 -7.03 -24.83
CA PHE A 9 -3.04 -6.98 -23.39
C PHE A 9 -3.71 -5.67 -22.96
N THR A 10 -3.16 -4.57 -23.43
CA THR A 10 -3.78 -3.25 -23.27
C THR A 10 -5.26 -3.29 -23.60
N SER A 11 -5.60 -3.89 -24.73
CA SER A 11 -6.98 -3.92 -25.19
C SER A 11 -7.86 -4.65 -24.17
N HIS A 12 -7.28 -5.65 -23.51
CA HIS A 12 -8.02 -6.42 -22.52
C HIS A 12 -8.19 -5.66 -21.20
N ILE A 13 -7.11 -5.04 -20.72
CA ILE A 13 -7.21 -4.14 -19.56
C ILE A 13 -8.40 -3.21 -19.73
N ASP A 14 -8.55 -2.63 -20.91
CA ASP A 14 -9.65 -1.71 -21.19
C ASP A 14 -11.00 -2.39 -21.04
N GLU A 15 -11.09 -3.65 -21.46
CA GLU A 15 -12.36 -4.37 -21.37
C GLU A 15 -12.73 -4.65 -19.91
N LEU A 16 -11.75 -5.07 -19.14
CA LEU A 16 -11.94 -5.30 -17.71
C LEU A 16 -12.27 -4.00 -16.99
N TYR A 17 -11.55 -2.94 -17.30
CA TYR A 17 -11.84 -1.61 -16.77
C TYR A 17 -13.31 -1.28 -16.99
N GLU A 18 -13.77 -1.54 -18.21
CA GLU A 18 -15.11 -1.15 -18.61
C GLU A 18 -16.16 -1.97 -17.89
N SER A 19 -15.85 -3.25 -17.67
CA SER A 19 -16.74 -4.15 -16.96
C SER A 19 -16.82 -3.76 -15.47
N ALA A 20 -15.67 -3.47 -14.86
CA ALA A 20 -15.64 -3.04 -13.47
C ALA A 20 -16.42 -1.74 -13.26
N LYS A 21 -16.35 -0.87 -14.26
CA LYS A 21 -17.00 0.45 -14.22
C LYS A 21 -18.50 0.37 -13.88
N LYS A 22 -19.14 -0.73 -14.27
CA LYS A 22 -20.57 -0.90 -14.05
C LYS A 22 -20.89 -1.29 -12.61
N GLN A 23 -19.86 -1.56 -11.81
CA GLN A 23 -20.04 -1.92 -10.42
C GLN A 23 -20.11 -0.67 -9.52
N SER A 24 -21.32 -0.26 -9.20
CA SER A 24 -21.56 1.03 -8.53
C SER A 24 -21.73 0.94 -7.01
N GLY A 25 -21.73 -0.28 -6.46
CA GLY A 25 -21.91 -0.45 -5.02
C GLY A 25 -20.77 0.11 -4.16
N GLY A 26 -20.95 0.04 -2.85
CA GLY A 26 -19.91 0.49 -1.95
C GLY A 26 -20.13 1.90 -1.46
N LYS A 27 -19.35 2.29 -0.45
CA LYS A 27 -19.49 3.58 0.16
C LYS A 27 -18.14 4.27 0.23
N VAL A 28 -18.10 5.53 -0.19
CA VAL A 28 -16.89 6.33 -0.10
C VAL A 28 -16.62 6.57 1.37
N ALA A 29 -15.38 6.42 1.80
CA ALA A 29 -15.07 6.63 3.21
C ALA A 29 -15.38 8.08 3.60
N ASP A 30 -15.90 8.30 4.80
CA ASP A 30 -16.28 9.64 5.22
C ASP A 30 -15.88 9.96 6.65
N TYR A 31 -14.92 9.24 7.23
CA TYR A 31 -14.55 9.53 8.61
C TYR A 31 -13.84 10.89 8.71
N ILE A 32 -13.22 11.33 7.60
CA ILE A 32 -12.75 12.74 7.45
C ILE A 32 -13.30 13.34 6.15
N PRO A 33 -13.49 14.67 6.13
CA PRO A 33 -14.08 15.33 4.95
C PRO A 33 -13.18 15.18 3.71
N GLN A 34 -11.87 15.07 3.93
CA GLN A 34 -10.95 14.90 2.82
C GLN A 34 -11.17 13.60 2.04
N LEU A 35 -11.85 12.63 2.64
CA LEU A 35 -12.16 11.41 1.91
C LEU A 35 -13.56 11.47 1.38
N ALA A 36 -14.45 12.04 2.19
CA ALA A 36 -15.85 12.14 1.80
C ALA A 36 -16.04 12.99 0.52
N LYS A 37 -15.15 13.95 0.31
CA LYS A 37 -15.19 14.82 -0.88
C LYS A 37 -15.31 14.04 -2.16
N PHE A 38 -14.69 12.86 -2.20
CA PHE A 38 -14.43 12.21 -3.49
C PHE A 38 -15.66 11.67 -4.18
N SER A 39 -15.68 11.81 -5.50
CA SER A 39 -16.75 11.26 -6.31
C SER A 39 -16.68 9.73 -6.35
N PRO A 40 -17.83 9.08 -6.18
CA PRO A 40 -17.92 7.63 -6.30
C PRO A 40 -17.60 7.14 -7.71
N ASP A 41 -17.67 8.01 -8.72
CA ASP A 41 -17.58 7.55 -10.11
C ASP A 41 -16.15 7.57 -10.61
N LEU A 42 -15.23 8.11 -9.80
CA LEU A 42 -13.83 8.10 -10.17
C LEU A 42 -13.31 6.66 -10.21
N TRP A 43 -12.51 6.35 -11.21
CA TRP A 43 -12.11 4.98 -11.47
C TRP A 43 -10.97 4.98 -12.48
N GLY A 44 -9.78 4.62 -12.01
CA GLY A 44 -8.61 4.58 -12.86
C GLY A 44 -7.81 3.30 -12.70
N VAL A 45 -7.17 2.86 -13.77
CA VAL A 45 -6.27 1.71 -13.72
C VAL A 45 -4.99 2.04 -14.50
N SER A 46 -3.84 1.91 -13.85
CA SER A 46 -2.57 2.11 -14.56
C SER A 46 -1.69 0.90 -14.41
N VAL A 47 -1.01 0.56 -15.50
CA VAL A 47 -0.09 -0.56 -15.56
C VAL A 47 1.30 -0.05 -15.91
N CYS A 48 2.29 -0.53 -15.18
CA CYS A 48 3.68 -0.35 -15.60
C CYS A 48 4.38 -1.70 -15.57
N THR A 49 4.79 -2.19 -16.74
CA THR A 49 5.46 -3.47 -16.82
C THR A 49 6.90 -3.39 -16.32
N VAL A 50 7.50 -4.56 -16.13
CA VAL A 50 8.90 -4.69 -15.75
C VAL A 50 9.80 -4.17 -16.86
N ASP A 51 9.25 -4.17 -18.07
CA ASP A 51 9.89 -3.65 -19.28
C ASP A 51 9.97 -2.15 -19.21
N GLY A 52 8.91 -1.54 -18.69
CA GLY A 52 8.81 -0.10 -18.64
C GLY A 52 7.69 0.35 -19.57
N GLN A 53 6.91 -0.61 -20.06
CA GLN A 53 5.78 -0.26 -20.90
C GLN A 53 4.62 0.21 -20.01
N ARG A 54 3.85 1.18 -20.50
CA ARG A 54 2.83 1.85 -19.69
C ARG A 54 1.46 1.82 -20.36
N HIS A 55 0.41 1.83 -19.55
CA HIS A 55 -0.95 1.98 -20.06
C HIS A 55 -1.90 2.44 -18.95
N SER A 56 -2.68 3.47 -19.24
CA SER A 56 -3.67 3.94 -18.29
C SER A 56 -5.05 4.01 -18.91
N THR A 57 -6.08 3.92 -18.08
CA THR A 57 -7.45 4.10 -18.52
C THR A 57 -8.22 4.72 -17.38
N GLY A 58 -9.11 5.64 -17.70
CA GLY A 58 -9.92 6.32 -16.70
C GLY A 58 -9.12 7.37 -15.95
N ASP A 59 -9.46 7.56 -14.67
CA ASP A 59 -8.99 8.72 -13.91
C ASP A 59 -7.63 8.54 -13.26
N THR A 60 -6.61 8.38 -14.10
CA THR A 60 -5.30 7.93 -13.63
C THR A 60 -4.33 9.05 -13.34
N LYS A 61 -4.81 10.28 -13.37
CA LYS A 61 -3.98 11.45 -13.06
C LYS A 61 -4.57 12.32 -11.94
N VAL A 62 -5.65 11.87 -11.32
CA VAL A 62 -6.20 12.55 -10.16
C VAL A 62 -5.47 12.07 -8.90
N PRO A 63 -4.84 12.99 -8.16
CA PRO A 63 -4.09 12.59 -6.96
C PRO A 63 -5.02 12.09 -5.87
N PHE A 64 -4.57 11.11 -5.09
CA PHE A 64 -5.30 10.62 -3.93
C PHE A 64 -4.29 10.12 -2.91
N CYS A 65 -4.70 9.99 -1.65
CA CYS A 65 -3.76 9.59 -0.58
C CYS A 65 -3.50 8.08 -0.55
N LEU A 66 -2.24 7.71 -0.40
CA LEU A 66 -1.85 6.32 -0.27
C LEU A 66 -2.63 5.68 0.89
N GLN A 67 -2.68 6.36 2.02
CA GLN A 67 -3.30 5.80 3.22
C GLN A 67 -2.64 4.45 3.49
N SER A 68 -3.41 3.38 3.73
CA SER A 68 -2.74 2.14 4.11
C SER A 68 -1.90 1.57 2.97
N CYS A 69 -2.09 2.07 1.76
CA CYS A 69 -1.26 1.62 0.64
C CYS A 69 0.22 1.89 0.91
N VAL A 70 0.50 2.80 1.84
CA VAL A 70 1.86 3.19 2.17
C VAL A 70 2.57 2.16 3.09
N LYS A 71 1.78 1.30 3.73
CA LYS A 71 2.30 0.40 4.76
C LYS A 71 3.39 -0.53 4.21
N PRO A 72 3.11 -1.19 3.08
CA PRO A 72 4.15 -2.02 2.47
C PRO A 72 5.37 -1.21 2.06
N LEU A 73 5.17 0.02 1.58
CA LEU A 73 6.28 0.85 1.11
C LEU A 73 7.23 1.24 2.24
N LYS A 74 6.69 1.69 3.36
CA LYS A 74 7.57 2.06 4.46
C LYS A 74 8.19 0.82 5.12
N TYR A 75 7.46 -0.28 5.14
CA TYR A 75 8.02 -1.53 5.62
C TYR A 75 9.22 -1.89 4.76
N ALA A 76 9.06 -1.74 3.44
CA ALA A 76 10.12 -2.07 2.50
C ALA A 76 11.35 -1.21 2.75
N ILE A 77 11.12 0.05 3.10
CA ILE A 77 12.21 0.95 3.41
C ILE A 77 12.92 0.51 4.68
N ALA A 78 12.16 0.13 5.69
CA ALA A 78 12.76 -0.26 6.96
C ALA A 78 13.72 -1.44 6.78
N VAL A 79 13.25 -2.47 6.06
CA VAL A 79 14.05 -3.67 5.83
C VAL A 79 15.27 -3.35 4.97
N ASN A 80 15.09 -2.46 3.99
CA ASN A 80 16.17 -2.06 3.10
C ASN A 80 17.32 -1.44 3.87
N ASP A 81 16.96 -0.63 4.86
CA ASP A 81 17.94 0.12 5.62
C ASP A 81 18.46 -0.64 6.84
N LEU A 82 17.69 -1.64 7.29
CA LEU A 82 17.97 -2.23 8.60
C LEU A 82 18.04 -3.76 8.59
N GLY A 83 17.60 -4.37 7.50
CA GLY A 83 17.59 -5.82 7.38
C GLY A 83 16.40 -6.48 8.07
N THR A 84 16.06 -7.67 7.60
CA THR A 84 14.91 -8.41 8.10
C THR A 84 14.91 -8.60 9.61
N GLU A 85 16.09 -8.92 10.16
CA GLU A 85 16.17 -9.42 11.53
C GLU A 85 15.89 -8.31 12.53
N TYR A 86 16.51 -7.16 12.32
CA TYR A 86 16.24 -6.01 13.16
C TYR A 86 14.75 -5.63 13.09
N VAL A 87 14.23 -5.46 11.88
CA VAL A 87 12.86 -5.00 11.78
C VAL A 87 11.95 -5.93 12.58
N HIS A 88 12.14 -7.24 12.38
CA HIS A 88 11.24 -8.20 13.02
C HIS A 88 11.48 -8.51 14.49
N ARG A 89 12.40 -7.80 15.11
CA ARG A 89 12.46 -7.80 16.57
C ARG A 89 11.29 -7.00 17.08
N TYR A 90 10.68 -6.21 16.21
CA TYR A 90 9.70 -5.21 16.63
C TYR A 90 8.29 -5.52 16.17
N VAL A 91 8.19 -6.26 15.06
CA VAL A 91 6.89 -6.56 14.46
C VAL A 91 6.87 -7.99 13.91
N GLY A 92 5.72 -8.63 13.99
CA GLY A 92 5.56 -10.01 13.55
C GLY A 92 5.54 -10.22 12.04
N LYS A 93 5.11 -11.40 11.62
CA LYS A 93 5.31 -11.83 10.23
C LYS A 93 4.09 -12.50 9.64
N GLU A 94 2.92 -12.30 10.23
CA GLU A 94 1.78 -13.07 9.78
C GLU A 94 0.42 -12.51 10.14
N PRO A 95 -0.61 -13.00 9.45
CA PRO A 95 -1.98 -12.53 9.67
C PRO A 95 -2.38 -12.57 11.14
N SER A 96 -2.91 -11.46 11.62
CA SER A 96 -3.58 -11.40 12.89
C SER A 96 -4.72 -12.39 12.83
N GLY A 97 -4.97 -13.07 13.94
CA GLY A 97 -6.07 -14.01 14.01
C GLY A 97 -7.40 -13.41 13.57
N LEU A 98 -8.08 -12.73 14.50
CA LEU A 98 -9.41 -12.19 14.24
C LEU A 98 -9.40 -11.01 13.29
N ARG A 99 -10.35 -10.10 13.49
CA ARG A 99 -10.51 -8.94 12.63
C ARG A 99 -9.25 -8.08 12.53
N PHE A 100 -9.16 -7.35 11.41
CA PHE A 100 -8.06 -6.43 11.15
C PHE A 100 -8.09 -5.23 12.11
N ASN A 101 -6.93 -4.91 12.69
CA ASN A 101 -6.81 -3.79 13.63
C ASN A 101 -7.80 -3.82 14.79
N LYS A 102 -7.79 -4.90 15.59
CA LYS A 102 -8.66 -5.00 16.77
C LYS A 102 -7.93 -4.67 18.08
N LEU A 103 -6.70 -4.19 17.95
CA LEU A 103 -5.88 -3.71 19.07
C LEU A 103 -5.44 -4.80 20.05
N PHE A 104 -4.46 -5.58 19.60
CA PHE A 104 -3.71 -6.43 20.50
C PHE A 104 -2.42 -6.88 19.83
N LEU A 105 -1.65 -7.68 20.56
CA LEU A 105 -0.33 -8.05 20.12
C LEU A 105 -0.26 -9.55 20.04
N ASN A 106 0.84 -10.07 19.50
CA ASN A 106 1.00 -11.51 19.45
C ASN A 106 1.61 -12.05 20.75
N GLU A 107 1.90 -13.34 20.76
CA GLU A 107 2.45 -13.99 21.96
C GLU A 107 3.68 -13.29 22.52
N ASP A 108 4.50 -12.70 21.64
CA ASP A 108 5.70 -11.99 22.07
C ASP A 108 5.47 -10.50 22.32
N ASP A 109 4.21 -10.09 22.41
CA ASP A 109 3.85 -8.68 22.57
C ASP A 109 4.44 -7.80 21.46
N LYS A 110 4.34 -8.30 20.22
CA LYS A 110 4.66 -7.54 19.04
C LYS A 110 3.38 -7.47 18.22
N PRO A 111 3.19 -6.35 17.48
CA PRO A 111 2.06 -6.31 16.55
C PRO A 111 2.21 -7.43 15.55
N HIS A 112 1.09 -7.97 15.07
CA HIS A 112 1.12 -9.20 14.29
C HIS A 112 1.93 -9.09 13.01
N ASN A 113 1.84 -7.94 12.34
CA ASN A 113 2.51 -7.76 11.06
C ASN A 113 2.50 -6.29 10.62
N PRO A 114 3.29 -5.96 9.59
CA PRO A 114 3.41 -4.53 9.27
C PRO A 114 2.19 -3.92 8.57
N MET A 115 1.25 -4.74 8.13
CA MET A 115 0.11 -4.26 7.35
C MET A 115 -1.10 -3.86 8.19
N VAL A 116 -1.00 -4.00 9.51
CA VAL A 116 -2.04 -3.50 10.41
C VAL A 116 -1.50 -2.26 11.09
N ASN A 117 -2.39 -1.42 11.60
CA ASN A 117 -1.99 -0.11 12.11
C ASN A 117 -0.91 -0.20 13.20
N ALA A 118 -1.16 -1.02 14.22
CA ALA A 118 -0.19 -1.20 15.29
C ALA A 118 1.19 -1.52 14.71
N GLY A 119 1.21 -2.42 13.72
CA GLY A 119 2.47 -2.81 13.09
C GLY A 119 3.13 -1.70 12.27
N ALA A 120 2.31 -0.95 11.53
CA ALA A 120 2.84 0.14 10.71
C ALA A 120 3.32 1.29 11.60
N ILE A 121 2.61 1.52 12.70
CA ILE A 121 3.06 2.52 13.68
C ILE A 121 4.46 2.19 14.21
N VAL A 122 4.68 0.93 14.56
CA VAL A 122 5.99 0.47 15.03
C VAL A 122 7.04 0.57 13.93
N VAL A 123 6.70 0.13 12.72
CA VAL A 123 7.61 0.23 11.59
C VAL A 123 8.02 1.70 11.39
N THR A 124 7.04 2.59 11.47
CA THR A 124 7.34 4.01 11.35
C THR A 124 8.40 4.45 12.38
N SER A 125 8.33 3.91 13.60
CA SER A 125 9.30 4.29 14.63
C SER A 125 10.72 3.82 14.32
N LEU A 126 10.85 2.89 13.37
CA LEU A 126 12.17 2.31 13.08
C LEU A 126 12.96 3.11 12.06
N ILE A 127 12.29 3.94 11.29
CA ILE A 127 12.91 4.56 10.13
C ILE A 127 13.73 5.79 10.48
N LYS A 128 14.96 5.83 9.99
CA LYS A 128 15.86 6.99 10.16
C LYS A 128 15.78 7.56 11.58
N GLN A 129 16.08 6.73 12.57
CA GLN A 129 15.99 7.18 13.95
C GLN A 129 17.09 8.17 14.24
N GLY A 130 16.84 9.06 15.20
CA GLY A 130 17.81 10.08 15.56
C GLY A 130 17.55 11.44 14.94
N VAL A 131 17.23 11.46 13.64
CA VAL A 131 16.93 12.71 12.96
C VAL A 131 15.52 13.21 13.29
N ASN A 132 15.26 14.47 13.01
CA ASN A 132 13.96 15.05 13.32
C ASN A 132 12.90 14.62 12.32
N ASN A 133 11.64 14.81 12.70
CA ASN A 133 10.53 14.38 11.87
C ASN A 133 10.55 14.97 10.47
N ALA A 134 10.96 16.22 10.34
CA ALA A 134 11.05 16.84 9.02
C ALA A 134 12.00 16.10 8.10
N GLU A 135 13.16 15.71 8.62
CA GLU A 135 14.15 14.97 7.83
C GLU A 135 13.65 13.56 7.57
N LYS A 136 12.96 12.97 8.54
CA LYS A 136 12.41 11.64 8.33
C LYS A 136 11.48 11.69 7.14
N PHE A 137 10.58 12.67 7.16
CA PHE A 137 9.59 12.81 6.09
C PHE A 137 10.26 13.01 4.73
N ASP A 138 11.24 13.90 4.65
CA ASP A 138 11.96 14.14 3.39
C ASP A 138 12.60 12.87 2.89
N TYR A 139 13.30 12.18 3.79
CA TYR A 139 13.98 10.94 3.44
C TYR A 139 13.02 9.98 2.76
N VAL A 140 11.82 9.83 3.34
CA VAL A 140 10.84 8.91 2.78
C VAL A 140 10.25 9.41 1.45
N MET A 141 9.99 10.72 1.35
CA MET A 141 9.46 11.29 0.12
C MET A 141 10.46 10.98 -0.99
N GLN A 142 11.73 11.21 -0.70
CA GLN A 142 12.79 10.97 -1.65
C GLN A 142 12.78 9.51 -2.10
N PHE A 143 12.63 8.61 -1.13
CA PHE A 143 12.59 7.18 -1.40
C PHE A 143 11.42 6.82 -2.33
N LEU A 144 10.25 7.40 -2.07
CA LEU A 144 9.08 7.11 -2.90
C LEU A 144 9.23 7.66 -4.33
N ASN A 145 9.88 8.82 -4.44
CA ASN A 145 10.22 9.39 -5.74
C ASN A 145 11.06 8.40 -6.56
N LYS A 146 12.07 7.82 -5.93
CA LYS A 146 12.87 6.76 -6.55
C LYS A 146 11.99 5.58 -6.96
N MET A 147 11.12 5.14 -6.06
CA MET A 147 10.23 4.03 -6.40
C MET A 147 9.33 4.36 -7.57
N ALA A 148 8.97 5.64 -7.68
CA ALA A 148 8.03 6.07 -8.70
C ALA A 148 8.74 6.62 -9.94
N GLY A 149 10.05 6.46 -10.01
CA GLY A 149 10.85 7.05 -11.08
C GLY A 149 10.52 8.53 -11.28
N ASN A 150 10.37 9.24 -10.17
CA ASN A 150 10.16 10.69 -10.16
C ASN A 150 8.82 11.19 -10.67
N GLU A 151 7.84 10.29 -10.75
CA GLU A 151 6.48 10.71 -11.11
C GLU A 151 5.73 11.21 -9.87
N TYR A 152 4.46 11.58 -10.06
CA TYR A 152 3.70 12.30 -9.01
C TYR A 152 3.81 11.68 -7.61
N VAL A 153 4.39 12.44 -6.69
CA VAL A 153 4.35 12.13 -5.27
C VAL A 153 4.14 13.42 -4.51
N GLY A 154 2.95 13.60 -3.96
CA GLY A 154 2.68 14.84 -3.25
C GLY A 154 2.30 14.63 -1.81
N PHE A 155 1.66 15.65 -1.24
CA PHE A 155 1.29 15.59 0.17
C PHE A 155 0.01 16.36 0.43
N SER A 156 -0.95 15.71 1.09
CA SER A 156 -2.20 16.36 1.47
C SER A 156 -2.13 16.84 2.91
N ASN A 157 -1.88 18.14 3.07
CA ASN A 157 -1.84 18.73 4.40
C ASN A 157 -3.19 18.65 5.10
N ALA A 158 -4.26 18.92 4.36
CA ALA A 158 -5.61 18.79 4.91
C ALA A 158 -5.92 17.39 5.43
N THR A 159 -5.47 16.37 4.71
CA THR A 159 -5.70 14.99 5.17
C THR A 159 -4.93 14.75 6.47
N PHE A 160 -3.65 15.13 6.47
CA PHE A 160 -2.81 15.05 7.65
C PHE A 160 -3.46 15.68 8.89
N GLN A 161 -3.89 16.93 8.76
CA GLN A 161 -4.48 17.65 9.88
C GLN A 161 -5.73 16.93 10.38
N SER A 162 -6.56 16.48 9.45
CA SER A 162 -7.78 15.75 9.84
C SER A 162 -7.47 14.37 10.45
N GLU A 163 -6.43 13.70 9.95
CA GLU A 163 -6.07 12.36 10.45
C GLU A 163 -5.63 12.49 11.91
N ARG A 164 -4.79 13.47 12.19
CA ARG A 164 -4.31 13.69 13.54
C ARG A 164 -5.43 14.07 14.50
N GLU A 165 -6.36 14.91 14.07
CA GLU A 165 -7.43 15.38 14.95
C GLU A 165 -8.48 14.31 15.26
N SER A 166 -8.70 13.41 14.30
CA SER A 166 -9.76 12.44 14.45
C SER A 166 -9.24 11.03 14.82
N GLY A 167 -7.93 10.91 14.97
CA GLY A 167 -7.28 9.60 15.07
C GLY A 167 -7.18 9.02 16.46
N ASP A 168 -8.28 9.06 17.21
CA ASP A 168 -8.31 8.58 18.59
C ASP A 168 -7.85 7.13 18.69
N ARG A 169 -8.32 6.29 17.79
CA ARG A 169 -7.93 4.88 17.81
C ARG A 169 -6.44 4.70 17.63
N ASN A 170 -5.84 5.49 16.75
CA ASN A 170 -4.39 5.39 16.56
C ASN A 170 -3.63 5.90 17.77
N PHE A 171 -4.21 6.84 18.51
CA PHE A 171 -3.59 7.31 19.73
C PHE A 171 -3.65 6.26 20.80
N ALA A 172 -4.78 5.56 20.87
CA ALA A 172 -4.94 4.45 21.81
C ALA A 172 -3.88 3.40 21.54
N ILE A 173 -3.69 3.08 20.26
CA ILE A 173 -2.69 2.11 19.85
C ILE A 173 -1.29 2.62 20.19
N GLY A 174 -1.06 3.90 19.99
CA GLY A 174 0.23 4.49 20.30
C GLY A 174 0.57 4.28 21.77
N TYR A 175 -0.34 4.66 22.65
CA TYR A 175 -0.13 4.50 24.09
C TYR A 175 -0.04 3.04 24.52
N TYR A 176 -0.85 2.18 23.90
CA TYR A 176 -0.78 0.76 24.20
C TYR A 176 0.60 0.20 23.86
N LEU A 177 1.13 0.53 22.68
CA LEU A 177 2.44 0.06 22.26
C LEU A 177 3.53 0.63 23.16
N LYS A 178 3.31 1.83 23.68
CA LYS A 178 4.26 2.44 24.59
C LYS A 178 4.27 1.66 25.91
N GLU A 179 3.08 1.32 26.41
CA GLU A 179 2.97 0.56 27.66
C GLU A 179 3.67 -0.78 27.54
N LYS A 180 3.47 -1.46 26.42
CA LYS A 180 4.08 -2.76 26.18
C LYS A 180 5.51 -2.69 25.65
N LYS A 181 6.11 -1.49 25.66
CA LYS A 181 7.51 -1.35 25.31
C LYS A 181 7.80 -1.84 23.88
N CYS A 182 6.92 -1.52 22.94
CA CYS A 182 7.05 -2.00 21.57
C CYS A 182 8.00 -1.19 20.71
N PHE A 183 8.38 -0.01 21.19
CA PHE A 183 9.25 0.90 20.43
C PHE A 183 10.69 0.79 20.86
N PRO A 184 11.62 1.06 19.94
CA PRO A 184 13.04 1.17 20.28
C PRO A 184 13.23 2.24 21.34
N GLU A 185 14.18 2.03 22.25
CA GLU A 185 14.43 2.98 23.32
C GLU A 185 14.61 4.42 22.82
N GLY A 186 14.02 5.37 23.54
CA GLY A 186 14.19 6.78 23.22
C GLY A 186 13.24 7.29 22.15
N THR A 187 12.15 6.57 21.95
CA THR A 187 11.16 6.95 20.96
C THR A 187 10.18 8.00 21.51
N ASP A 188 9.98 9.07 20.76
CA ASP A 188 8.90 10.00 21.05
C ASP A 188 7.63 9.45 20.37
N MET A 189 6.78 8.81 21.15
CA MET A 189 5.63 8.11 20.57
C MET A 189 4.67 9.08 19.84
N VAL A 190 4.37 10.20 20.47
CA VAL A 190 3.50 11.19 19.83
C VAL A 190 4.09 11.68 18.50
N GLY A 191 5.39 11.96 18.50
CA GLY A 191 6.06 12.38 17.27
C GLY A 191 5.97 11.29 16.23
N ILE A 192 6.08 10.04 16.65
CA ILE A 192 5.95 8.94 15.72
C ILE A 192 4.54 8.87 15.13
N LEU A 193 3.53 9.11 15.97
CA LEU A 193 2.16 9.17 15.47
C LEU A 193 2.03 10.23 14.36
N ASP A 194 2.54 11.42 14.63
CA ASP A 194 2.53 12.51 13.66
C ASP A 194 3.12 12.05 12.34
N PHE A 195 4.31 11.45 12.43
CA PHE A 195 5.00 10.97 11.24
C PHE A 195 4.10 9.96 10.51
N TYR A 196 3.44 9.10 11.29
CA TYR A 196 2.57 8.08 10.74
C TYR A 196 1.39 8.73 9.98
N PHE A 197 0.75 9.71 10.59
CA PHE A 197 -0.33 10.44 9.91
C PHE A 197 0.14 11.09 8.63
N GLN A 198 1.36 11.65 8.65
CA GLN A 198 1.93 12.27 7.46
C GLN A 198 2.08 11.27 6.33
N LEU A 199 2.65 10.12 6.66
CA LEU A 199 2.87 9.08 5.66
C LEU A 199 1.58 8.61 5.03
N CYS A 200 0.51 8.53 5.83
CA CYS A 200 -0.79 8.14 5.29
C CYS A 200 -1.26 9.19 4.33
N SER A 201 -0.79 10.42 4.52
CA SER A 201 -1.29 11.58 3.78
C SER A 201 -0.51 11.86 2.52
N ILE A 202 0.44 11.00 2.18
CA ILE A 202 1.19 11.20 0.94
C ILE A 202 0.30 10.91 -0.27
N GLU A 203 0.35 11.79 -1.28
CA GLU A 203 -0.53 11.67 -2.44
C GLU A 203 0.16 11.08 -3.65
N VAL A 204 -0.59 10.30 -4.42
CA VAL A 204 -0.06 9.69 -5.64
C VAL A 204 -1.15 9.75 -6.69
N THR A 205 -0.82 9.33 -7.91
CA THR A 205 -1.83 9.08 -8.94
C THR A 205 -1.73 7.60 -9.30
N CYS A 206 -2.73 7.07 -10.01
CA CYS A 206 -2.60 5.70 -10.46
C CYS A 206 -1.32 5.52 -11.23
N GLU A 207 -0.95 6.53 -12.02
CA GLU A 207 0.20 6.40 -12.89
C GLU A 207 1.50 6.30 -12.13
N SER A 208 1.70 7.19 -11.15
CA SER A 208 2.91 7.13 -10.36
C SER A 208 2.92 5.88 -9.45
N ALA A 209 1.77 5.50 -8.92
CA ALA A 209 1.73 4.39 -7.98
C ALA A 209 2.06 3.08 -8.69
N SER A 210 1.57 2.93 -9.91
CA SER A 210 1.83 1.72 -10.69
C SER A 210 3.32 1.50 -10.93
N VAL A 211 4.07 2.59 -10.98
CA VAL A 211 5.53 2.48 -11.13
C VAL A 211 6.14 2.00 -9.83
N MET A 212 5.57 2.43 -8.71
CA MET A 212 6.01 1.92 -7.42
C MET A 212 5.73 0.42 -7.34
N ALA A 213 4.55 0.00 -7.78
CA ALA A 213 4.20 -1.40 -7.76
C ALA A 213 5.15 -2.18 -8.67
N ALA A 214 5.48 -1.58 -9.80
CA ALA A 214 6.32 -2.23 -10.80
C ALA A 214 7.74 -2.43 -10.28
N THR A 215 8.20 -1.48 -9.47
CA THR A 215 9.52 -1.58 -8.86
C THR A 215 9.57 -2.84 -7.97
N LEU A 216 8.48 -3.12 -7.26
CA LEU A 216 8.40 -4.33 -6.44
C LEU A 216 8.33 -5.56 -7.33
N ALA A 217 7.63 -5.44 -8.45
CA ALA A 217 7.49 -6.53 -9.40
C ALA A 217 8.83 -6.85 -10.07
N ASN A 218 9.75 -5.91 -9.99
CA ASN A 218 11.00 -5.98 -10.74
C ASN A 218 12.20 -6.16 -9.83
N GLY A 219 12.02 -6.90 -8.75
CA GLY A 219 13.11 -7.21 -7.84
C GLY A 219 13.72 -6.00 -7.16
N GLY A 220 13.00 -4.88 -7.18
CA GLY A 220 13.48 -3.68 -6.51
C GLY A 220 14.20 -2.70 -7.42
N PHE A 221 14.10 -2.93 -8.72
CA PHE A 221 14.67 -2.02 -9.71
C PHE A 221 13.57 -1.23 -10.42
N CYS A 222 13.67 0.10 -10.41
CA CYS A 222 12.65 0.92 -11.05
C CYS A 222 12.69 0.78 -12.57
N PRO A 223 11.62 0.22 -13.15
CA PRO A 223 11.63 -0.17 -14.58
C PRO A 223 11.75 1.03 -15.54
N ILE A 224 11.53 2.25 -15.06
CA ILE A 224 11.65 3.41 -15.94
C ILE A 224 12.88 4.26 -15.63
N THR A 225 13.74 3.80 -14.73
CA THR A 225 15.00 4.48 -14.48
C THR A 225 16.14 3.48 -14.50
N GLY A 226 15.83 2.26 -14.12
CA GLY A 226 16.83 1.20 -14.10
C GLY A 226 17.66 1.17 -12.83
N GLU A 227 17.40 2.10 -11.92
CA GLU A 227 18.18 2.12 -10.69
C GLU A 227 17.65 1.20 -9.58
N ARG A 228 18.56 0.71 -8.75
CA ARG A 228 18.18 -0.15 -7.64
C ARG A 228 17.64 0.69 -6.50
N VAL A 229 16.39 0.43 -6.12
CA VAL A 229 15.74 1.20 -5.08
C VAL A 229 15.65 0.42 -3.77
N LEU A 230 15.37 -0.88 -3.89
CA LEU A 230 15.16 -1.72 -2.74
C LEU A 230 16.01 -3.00 -2.84
N SER A 231 16.45 -3.49 -1.68
CA SER A 231 17.17 -4.76 -1.61
C SER A 231 16.23 -5.92 -1.96
N PRO A 232 16.78 -6.98 -2.55
CA PRO A 232 16.00 -8.17 -2.91
C PRO A 232 15.24 -8.71 -1.68
N GLU A 233 15.91 -8.71 -0.55
CA GLU A 233 15.34 -9.13 0.73
C GLU A 233 14.10 -8.26 1.04
N ALA A 234 14.27 -6.95 0.94
CA ALA A 234 13.16 -6.03 1.17
C ALA A 234 11.95 -6.33 0.29
N VAL A 235 12.19 -6.50 -1.00
CA VAL A 235 11.10 -6.79 -1.91
C VAL A 235 10.38 -8.09 -1.52
N ARG A 236 11.16 -9.13 -1.26
CA ARG A 236 10.55 -10.43 -0.99
C ARG A 236 9.70 -10.44 0.27
N ASN A 237 10.24 -9.86 1.34
CA ASN A 237 9.48 -9.73 2.58
C ASN A 237 8.15 -9.02 2.33
N THR A 238 8.22 -7.90 1.60
CA THR A 238 7.07 -7.04 1.39
C THR A 238 6.02 -7.76 0.60
N LEU A 239 6.45 -8.43 -0.47
CA LEU A 239 5.52 -9.21 -1.26
C LEU A 239 4.85 -10.32 -0.45
N SER A 240 5.64 -11.03 0.37
CA SER A 240 5.08 -12.12 1.19
C SER A 240 3.95 -11.62 2.07
N LEU A 241 4.21 -10.52 2.78
CA LEU A 241 3.22 -9.96 3.69
C LEU A 241 2.05 -9.30 2.97
N MET A 242 2.28 -8.77 1.76
CA MET A 242 1.18 -8.19 0.99
C MET A 242 0.27 -9.32 0.59
N HIS A 243 0.88 -10.46 0.28
CA HIS A 243 0.15 -11.64 -0.15
C HIS A 243 -0.82 -12.12 0.95
N SER A 244 -0.38 -12.09 2.19
CA SER A 244 -1.18 -12.69 3.25
C SER A 244 -1.94 -11.68 4.09
N CYS A 245 -1.46 -10.44 4.14
CA CYS A 245 -2.00 -9.47 5.10
C CYS A 245 -2.49 -8.16 4.47
N GLY A 246 -2.60 -8.09 3.15
CA GLY A 246 -2.71 -6.81 2.48
C GLY A 246 -4.09 -6.24 2.22
N MET A 247 -5.11 -7.08 2.37
CA MET A 247 -6.46 -6.69 2.01
C MET A 247 -7.44 -6.72 3.19
N TYR A 248 -6.94 -6.30 4.35
CA TYR A 248 -7.74 -6.32 5.57
C TYR A 248 -8.30 -7.73 5.81
N ASP A 249 -9.54 -7.80 6.28
CA ASP A 249 -10.18 -9.08 6.54
C ASP A 249 -10.49 -9.86 5.28
N PHE A 250 -10.18 -9.30 4.12
CA PHE A 250 -10.43 -9.99 2.87
C PHE A 250 -9.16 -10.66 2.37
N SER A 251 -8.06 -10.47 3.10
CA SER A 251 -6.76 -11.01 2.70
C SER A 251 -6.80 -12.51 2.38
N GLY A 252 -7.46 -13.29 3.23
CA GLY A 252 -7.59 -14.72 3.01
C GLY A 252 -8.30 -15.07 1.71
N GLN A 253 -9.45 -14.47 1.47
CA GLN A 253 -10.19 -14.73 0.23
C GLN A 253 -9.39 -14.26 -0.98
N PHE A 254 -8.72 -13.13 -0.82
CA PHE A 254 -7.99 -12.52 -1.93
C PHE A 254 -6.84 -13.44 -2.37
N ALA A 255 -6.03 -13.88 -1.40
CA ALA A 255 -4.96 -14.87 -1.65
C ALA A 255 -5.48 -16.13 -2.35
N PHE A 256 -6.61 -16.63 -1.88
CA PHE A 256 -7.17 -17.85 -2.46
C PHE A 256 -7.60 -17.63 -3.91
N HIS A 257 -8.40 -16.58 -4.15
CA HIS A 257 -9.03 -16.37 -5.45
C HIS A 257 -8.19 -15.63 -6.46
N VAL A 258 -7.33 -14.73 -5.97
CA VAL A 258 -6.52 -13.90 -6.84
C VAL A 258 -5.05 -14.27 -6.83
N GLY A 259 -4.50 -14.49 -5.64
CA GLY A 259 -3.17 -15.06 -5.53
C GLY A 259 -2.05 -14.11 -5.91
N LEU A 260 -2.28 -12.83 -5.65
CA LEU A 260 -1.29 -11.82 -5.98
C LEU A 260 -1.04 -10.95 -4.77
N PRO A 261 0.20 -10.49 -4.63
CA PRO A 261 0.47 -9.52 -3.58
C PRO A 261 -0.29 -8.22 -3.88
N ALA A 262 -1.06 -7.71 -2.92
CA ALA A 262 -1.77 -6.45 -3.10
C ALA A 262 -1.89 -5.73 -1.77
N LYS A 263 -2.18 -4.43 -1.80
CA LYS A 263 -2.46 -3.67 -0.59
C LYS A 263 -3.49 -2.63 -0.87
N SER A 264 -4.64 -2.75 -0.22
CA SER A 264 -5.68 -1.74 -0.35
C SER A 264 -5.52 -0.59 0.66
N GLY A 265 -6.25 0.50 0.43
CA GLY A 265 -6.27 1.65 1.33
C GLY A 265 -7.64 2.31 1.33
N VAL A 266 -7.92 3.09 2.36
CA VAL A 266 -9.26 3.62 2.56
C VAL A 266 -9.64 4.71 1.53
N ALA A 267 -8.67 5.23 0.79
CA ALA A 267 -8.93 6.19 -0.29
C ALA A 267 -9.44 5.48 -1.52
N GLY A 268 -9.39 4.15 -1.49
CA GLY A 268 -9.93 3.32 -2.57
C GLY A 268 -8.86 2.79 -3.51
N GLY A 269 -7.60 2.99 -3.14
CA GLY A 269 -6.50 2.45 -3.93
C GLY A 269 -6.23 0.97 -3.68
N ILE A 270 -5.76 0.28 -4.72
CA ILE A 270 -5.27 -1.09 -4.58
C ILE A 270 -3.97 -1.23 -5.35
N LEU A 271 -2.87 -1.30 -4.61
CA LEU A 271 -1.55 -1.48 -5.17
C LEU A 271 -1.33 -2.96 -5.48
N LEU A 272 -1.19 -3.28 -6.76
CA LEU A 272 -1.13 -4.67 -7.19
C LEU A 272 0.20 -5.03 -7.84
N VAL A 273 0.74 -6.17 -7.45
CA VAL A 273 2.00 -6.64 -8.04
C VAL A 273 1.83 -8.00 -8.74
N VAL A 274 2.27 -8.07 -9.99
CA VAL A 274 2.44 -9.35 -10.68
C VAL A 274 3.93 -9.60 -10.84
N PRO A 275 4.51 -10.35 -9.90
CA PRO A 275 5.95 -10.59 -9.85
C PRO A 275 6.54 -10.89 -11.22
N ASN A 276 7.62 -10.20 -11.57
CA ASN A 276 8.30 -10.40 -12.85
C ASN A 276 7.43 -10.09 -14.07
N VAL A 277 6.29 -9.45 -13.84
CA VAL A 277 5.44 -9.05 -14.95
C VAL A 277 5.14 -7.55 -14.95
N MET A 278 4.48 -7.06 -13.91
CA MET A 278 4.11 -5.66 -13.89
C MET A 278 3.65 -5.19 -12.52
N GLY A 279 3.59 -3.87 -12.37
CA GLY A 279 2.92 -3.23 -11.26
C GLY A 279 1.63 -2.59 -11.73
N MET A 280 0.65 -2.47 -10.85
CA MET A 280 -0.59 -1.80 -11.17
C MET A 280 -1.09 -1.02 -9.98
N MET A 281 -1.84 0.04 -10.27
CA MET A 281 -2.59 0.72 -9.24
C MET A 281 -4.01 0.89 -9.76
N CYS A 282 -4.98 0.40 -9.00
CA CYS A 282 -6.40 0.55 -9.35
C CYS A 282 -6.97 1.45 -8.31
N TRP A 283 -7.86 2.35 -8.72
CA TRP A 283 -8.39 3.30 -7.75
C TRP A 283 -9.84 3.64 -8.00
N SER A 284 -10.63 3.48 -6.95
CA SER A 284 -12.00 3.91 -6.96
C SER A 284 -12.49 4.02 -5.52
N PRO A 285 -12.88 5.23 -5.11
CA PRO A 285 -13.19 5.57 -3.72
C PRO A 285 -14.26 4.71 -3.03
N PRO A 286 -15.33 4.29 -3.73
CA PRO A 286 -16.35 3.57 -2.93
C PRO A 286 -15.82 2.21 -2.44
N LEU A 287 -15.95 1.97 -1.14
CA LEU A 287 -15.40 0.76 -0.50
C LEU A 287 -16.48 -0.24 -0.09
N ASP A 288 -16.17 -1.53 -0.15
CA ASP A 288 -17.09 -2.52 0.41
C ASP A 288 -17.02 -2.56 1.94
N LYS A 289 -17.74 -3.51 2.53
CA LYS A 289 -17.89 -3.62 3.98
C LYS A 289 -16.56 -3.93 4.64
N MET A 290 -15.63 -4.48 3.88
CA MET A 290 -14.31 -4.81 4.40
C MET A 290 -13.27 -3.74 4.16
N GLY A 291 -13.67 -2.65 3.50
CA GLY A 291 -12.80 -1.50 3.30
C GLY A 291 -12.00 -1.51 2.01
N ASN A 292 -12.29 -2.47 1.14
CA ASN A 292 -11.65 -2.58 -0.16
C ASN A 292 -12.49 -1.96 -1.28
N SER A 293 -11.82 -1.26 -2.19
CA SER A 293 -12.49 -0.62 -3.31
C SER A 293 -13.32 -1.66 -4.07
N VAL A 294 -14.60 -1.39 -4.24
CA VAL A 294 -15.50 -2.33 -4.92
C VAL A 294 -15.07 -2.60 -6.36
N LYS A 295 -14.79 -1.55 -7.13
CA LYS A 295 -14.40 -1.74 -8.52
C LYS A 295 -13.07 -2.46 -8.64
N GLY A 296 -12.12 -2.08 -7.80
CA GLY A 296 -10.80 -2.68 -7.82
C GLY A 296 -10.83 -4.17 -7.52
N ILE A 297 -11.56 -4.54 -6.48
CA ILE A 297 -11.73 -5.96 -6.16
C ILE A 297 -12.28 -6.71 -7.37
N HIS A 298 -13.37 -6.22 -7.96
CA HIS A 298 -13.96 -6.82 -9.13
C HIS A 298 -12.94 -6.95 -10.27
N PHE A 299 -12.16 -5.91 -10.48
CA PHE A 299 -11.19 -5.89 -11.57
C PHE A 299 -10.08 -6.91 -11.34
N CYS A 300 -9.56 -6.96 -10.13
CA CYS A 300 -8.55 -7.95 -9.77
C CYS A 300 -9.01 -9.39 -10.03
N HIS A 301 -10.21 -9.76 -9.58
CA HIS A 301 -10.73 -11.10 -9.85
C HIS A 301 -10.74 -11.38 -11.35
N ASP A 302 -11.34 -10.49 -12.13
CA ASP A 302 -11.43 -10.64 -13.59
C ASP A 302 -10.07 -10.74 -14.26
N LEU A 303 -9.10 -9.98 -13.75
CA LEU A 303 -7.77 -9.95 -14.37
C LEU A 303 -7.07 -11.30 -14.30
N VAL A 304 -7.23 -11.97 -13.16
CA VAL A 304 -6.55 -13.22 -12.93
C VAL A 304 -7.24 -14.36 -13.65
N SER A 305 -8.57 -14.32 -13.62
CA SER A 305 -9.41 -15.30 -14.31
C SER A 305 -9.28 -15.19 -15.82
N LEU A 306 -8.58 -14.16 -16.30
CA LEU A 306 -8.45 -13.93 -17.72
C LEU A 306 -7.03 -14.18 -18.22
N CYS A 307 -6.06 -13.66 -17.48
CA CYS A 307 -4.66 -13.74 -17.89
C CYS A 307 -3.85 -14.79 -17.15
N ASN A 308 -4.51 -15.59 -16.31
CA ASN A 308 -3.84 -16.67 -15.59
C ASN A 308 -2.59 -16.18 -14.85
N PHE A 309 -2.82 -15.19 -14.00
CA PHE A 309 -1.78 -14.50 -13.27
C PHE A 309 -1.66 -15.02 -11.83
N HIS A 310 -2.61 -15.84 -11.40
CA HIS A 310 -2.58 -16.43 -10.07
C HIS A 310 -1.21 -17.07 -9.76
N ASN A 311 -0.74 -16.84 -8.55
CA ASN A 311 0.51 -17.40 -8.08
C ASN A 311 0.68 -18.88 -8.43
N TYR A 312 -0.41 -19.65 -8.31
CA TYR A 312 -0.35 -21.09 -8.52
C TYR A 312 -1.12 -21.56 -9.76
N ASP A 313 -1.22 -20.66 -10.75
CA ASP A 313 -1.61 -21.03 -12.11
C ASP A 313 -0.37 -21.56 -12.85
#